data_4M3M
#
_entry.id   4M3M
#
_cell.length_a   90.832
_cell.length_b   90.832
_cell.length_c   111.987
_cell.angle_alpha   90.000
_cell.angle_beta   90.000
_cell.angle_gamma   90.000
#
_symmetry.space_group_name_H-M   'I 4'
#
loop_
_entity.id
_entity.type
_entity.pdbx_description
1 polymer Neuraminidase
2 non-polymer '(3R,4S,5S)-4-(acetylamino)-5-amino-3-(pentan-3-yloxy)cyclohex-1-ene-1-carboxylic acid'
3 non-polymer 'CALCIUM ION'
4 non-polymer 2-acetamido-2-deoxy-beta-D-glucopyranose
5 water water
#
_entity_poly.entity_id   1
_entity_poly.type   'polypeptide(L)'
_entity_poly.pdbx_seq_one_letter_code
;GTYMNNTEAICDVKGFAPFSKDNGIRIGSRGHIFVIREPFVSCSPIECRTFFLTQGSLLNDKHSNGTVKDRSPFRTLMSV
KVGQSPNVYQARFEAVAWSATACHDGKKWMTVGVTGPDSKAVAVIHYGGVPTDVINSWAGDILRTQESSCTCIQGDCYWV
MTDGPANRQAQYRIYKANQGRIIGQADISFNGGHIEECSCYPNDGKVECVCRDNWTGTNRPVLVISPDLSYRVGYLCAGI
PSDTPRGEDAQFTGSCTSPMGNQGYGVKGFGFRQGTDVWMGRTISRTSRSGFEILRIKNGWTQTSKEQVRKQVVVDNLNW
SGYSGSFTLPVELSGKDCLVPCFWVEMIRGKPEEKTIWTSSSSIVMCGVDYEIADWSWHDGAILPFDIDK
;
_entity_poly.pdbx_strand_id   A
#
# COMPACT_ATOMS: atom_id res chain seq x y z
N GLY A 1 -24.15 -10.44 -5.85
CA GLY A 1 -25.41 -9.72 -5.97
C GLY A 1 -25.67 -8.76 -4.82
N THR A 2 -24.76 -8.71 -3.85
CA THR A 2 -24.92 -7.84 -2.69
C THR A 2 -23.67 -6.99 -2.42
N TYR A 3 -23.88 -5.68 -2.24
CA TYR A 3 -22.79 -4.78 -1.87
C TYR A 3 -22.32 -5.07 -0.44
N MET A 4 -21.00 -4.98 -0.21
CA MET A 4 -20.45 -5.00 1.15
C MET A 4 -20.69 -3.66 1.83
N ASN A 5 -21.21 -3.70 3.05
CA ASN A 5 -21.42 -2.47 3.82
C ASN A 5 -20.09 -1.79 4.16
N ASN A 6 -19.23 -2.50 4.89
CA ASN A 6 -17.95 -1.93 5.31
C ASN A 6 -18.14 -0.63 6.09
N THR A 7 -19.20 -0.58 6.88
CA THR A 7 -19.54 0.59 7.68
C THR A 7 -19.10 0.39 9.12
N GLU A 8 -18.64 -0.82 9.43
CA GLU A 8 -18.26 -1.18 10.80
C GLU A 8 -17.04 -0.43 11.30
N ALA A 9 -16.73 -0.60 12.57
CA ALA A 9 -15.49 -0.07 13.15
C ALA A 9 -14.38 -1.08 12.92
N ILE A 10 -13.15 -0.59 12.80
CA ILE A 10 -11.96 -1.42 12.80
C ILE A 10 -11.83 -2.14 14.14
N CYS A 11 -11.51 -3.44 14.11
CA CYS A 11 -11.29 -4.21 15.32
C CYS A 11 -10.11 -3.66 16.12
N ASP A 12 -10.28 -3.58 17.43
CA ASP A 12 -9.14 -3.25 18.28
C ASP A 12 -8.32 -4.52 18.44
N VAL A 13 -7.04 -4.44 18.04
CA VAL A 13 -6.20 -5.63 18.00
C VAL A 13 -4.95 -5.45 18.86
N LYS A 14 -4.44 -6.54 19.40
CA LYS A 14 -3.28 -6.46 20.29
C LYS A 14 -2.01 -6.90 19.57
N GLY A 15 -2.16 -7.27 18.32
CA GLY A 15 -1.06 -7.88 17.60
C GLY A 15 -1.52 -8.45 16.29
N PHE A 16 -0.58 -9.01 15.54
CA PHE A 16 -0.83 -9.40 14.17
C PHE A 16 -0.26 -10.79 13.93
N ALA A 17 -1.11 -11.66 13.40
CA ALA A 17 -0.73 -13.04 13.12
C ALA A 17 -0.49 -13.18 11.62
N PRO A 18 0.45 -14.06 11.24
CA PRO A 18 0.75 -14.32 9.81
C PRO A 18 -0.44 -14.90 9.07
N PHE A 19 -0.77 -14.29 7.93
CA PHE A 19 -1.86 -14.72 7.07
C PHE A 19 -1.23 -15.60 6.01
N SER A 20 -0.26 -15.04 5.30
CA SER A 20 0.32 -15.71 4.15
C SER A 20 1.72 -15.22 3.79
N LYS A 21 2.45 -16.06 3.09
CA LYS A 21 3.77 -15.73 2.59
C LYS A 21 3.97 -16.49 1.28
N ASP A 22 4.33 -15.79 0.21
CA ASP A 22 4.31 -16.42 -1.13
C ASP A 22 5.60 -17.12 -1.52
N ASN A 23 6.73 -16.65 -0.98
CA ASN A 23 8.05 -17.21 -1.31
C ASN A 23 8.36 -17.11 -2.80
N GLY A 24 7.84 -16.06 -3.43
CA GLY A 24 7.88 -15.94 -4.88
C GLY A 24 9.26 -15.97 -5.49
N ILE A 25 10.23 -15.38 -4.80
CA ILE A 25 11.55 -15.26 -5.38
C ILE A 25 12.36 -16.54 -5.24
N ARG A 26 12.19 -17.22 -4.11
CA ARG A 26 12.76 -18.55 -3.93
C ARG A 26 12.23 -19.51 -4.99
N ILE A 27 10.92 -19.51 -5.17
CA ILE A 27 10.30 -20.34 -6.20
C ILE A 27 10.82 -19.94 -7.58
N GLY A 28 10.97 -18.63 -7.80
CA GLY A 28 11.42 -18.11 -9.07
C GLY A 28 12.81 -18.51 -9.51
N SER A 29 13.58 -19.08 -8.58
CA SER A 29 14.89 -19.61 -8.90
C SER A 29 14.73 -20.62 -10.03
N ARG A 30 13.63 -21.39 -9.98
CA ARG A 30 13.39 -22.42 -11.00
C ARG A 30 12.05 -22.27 -11.71
N GLY A 31 11.02 -21.85 -10.95
CA GLY A 31 9.68 -21.73 -11.51
C GLY A 31 9.54 -20.56 -12.45
N HIS A 32 8.32 -20.35 -12.94
CA HIS A 32 8.05 -19.25 -13.88
C HIS A 32 7.27 -18.15 -13.20
N ILE A 33 8.01 -17.17 -12.68
CA ILE A 33 7.48 -16.20 -11.74
C ILE A 33 7.74 -14.80 -12.23
N PHE A 34 6.71 -13.97 -12.23
CA PHE A 34 6.86 -12.59 -12.64
C PHE A 34 7.83 -11.84 -11.74
N VAL A 35 8.69 -11.04 -12.36
CA VAL A 35 9.41 -9.99 -11.67
C VAL A 35 8.37 -8.94 -11.29
N ILE A 36 8.25 -8.63 -10.00
CA ILE A 36 7.19 -7.72 -9.55
C ILE A 36 7.62 -6.56 -8.65
N ARG A 37 6.66 -5.69 -8.36
CA ARG A 37 6.72 -4.70 -7.29
C ARG A 37 5.35 -4.68 -6.65
N GLU A 38 5.25 -4.11 -5.46
CA GLU A 38 3.96 -3.83 -4.81
C GLU A 38 2.91 -4.98 -4.79
N PRO A 39 3.22 -6.08 -4.06
CA PRO A 39 2.27 -7.19 -3.91
C PRO A 39 1.18 -6.86 -2.90
N PHE A 40 0.28 -5.95 -3.27
CA PHE A 40 -0.75 -5.48 -2.35
C PHE A 40 -1.99 -6.37 -2.31
N VAL A 41 -2.63 -6.45 -1.14
CA VAL A 41 -3.75 -7.35 -0.94
C VAL A 41 -5.06 -6.61 -0.87
N SER A 42 -6.11 -7.20 -1.46
CA SER A 42 -7.48 -6.71 -1.31
C SER A 42 -8.41 -7.92 -1.35
N CYS A 43 -9.50 -7.84 -0.59
CA CYS A 43 -10.41 -8.96 -0.39
C CYS A 43 -11.82 -8.72 -0.91
N SER A 44 -12.39 -9.76 -1.50
CA SER A 44 -13.79 -9.81 -1.90
C SER A 44 -14.47 -10.62 -0.81
N PRO A 45 -15.81 -10.72 -0.82
CA PRO A 45 -16.44 -11.57 0.20
C PRO A 45 -16.03 -13.04 0.20
N ILE A 46 -15.35 -13.52 -0.83
CA ILE A 46 -15.05 -14.95 -0.90
C ILE A 46 -13.55 -15.27 -0.75
N GLU A 47 -12.69 -14.29 -1.02
CA GLU A 47 -11.26 -14.52 -1.01
C GLU A 47 -10.47 -13.22 -1.00
N CYS A 48 -9.23 -13.29 -0.51
CA CYS A 48 -8.30 -12.18 -0.65
C CYS A 48 -7.34 -12.50 -1.78
N ARG A 49 -6.93 -11.46 -2.50
CA ARG A 49 -5.99 -11.65 -3.59
C ARG A 49 -4.79 -10.72 -3.43
N THR A 50 -3.64 -11.18 -3.92
CA THR A 50 -2.46 -10.33 -4.03
C THR A 50 -2.44 -9.74 -5.44
N PHE A 51 -2.40 -8.41 -5.53
CA PHE A 51 -2.21 -7.76 -6.82
C PHE A 51 -0.74 -7.41 -6.91
N PHE A 52 -0.25 -7.16 -8.12
CA PHE A 52 1.15 -6.81 -8.32
C PHE A 52 1.39 -6.25 -9.71
N LEU A 53 2.49 -5.52 -9.85
CA LEU A 53 2.89 -5.00 -11.15
C LEU A 53 3.92 -5.93 -11.79
N THR A 54 3.82 -6.12 -13.11
CA THR A 54 4.81 -6.91 -13.83
C THR A 54 5.43 -6.06 -14.93
N GLN A 55 6.54 -6.55 -15.50
CA GLN A 55 7.14 -5.94 -16.66
C GLN A 55 7.04 -6.88 -17.85
N GLY A 56 6.27 -7.95 -17.68
CA GLY A 56 6.17 -8.98 -18.71
C GLY A 56 7.36 -9.92 -18.68
N SER A 57 8.14 -9.87 -17.60
CA SER A 57 9.37 -10.63 -17.51
C SER A 57 9.38 -11.59 -16.34
N LEU A 58 10.19 -12.63 -16.47
CA LEU A 58 10.25 -13.70 -15.47
C LEU A 58 11.60 -13.69 -14.78
N LEU A 59 11.60 -14.14 -13.53
CA LEU A 59 12.83 -14.31 -12.78
C LEU A 59 13.75 -15.28 -13.51
N ASN A 60 15.06 -14.96 -13.50
CA ASN A 60 16.09 -15.77 -14.17
C ASN A 60 16.05 -15.71 -15.70
N ASP A 61 15.42 -14.69 -16.23
CA ASP A 61 15.42 -14.50 -17.69
C ASP A 61 16.05 -13.16 -18.01
N LYS A 62 16.68 -13.05 -19.18
CA LYS A 62 17.33 -11.81 -19.60
C LYS A 62 16.40 -10.60 -19.54
N HIS A 63 15.11 -10.80 -19.81
CA HIS A 63 14.18 -9.67 -19.76
C HIS A 63 14.04 -9.08 -18.35
N SER A 64 14.49 -9.81 -17.33
CA SER A 64 14.43 -9.29 -15.97
C SER A 64 15.48 -8.20 -15.75
N ASN A 65 16.25 -7.89 -16.79
CA ASN A 65 17.20 -6.77 -16.78
C ASN A 65 16.46 -5.55 -16.24
N GLY A 66 16.98 -4.99 -15.14
CA GLY A 66 16.28 -3.97 -14.41
C GLY A 66 16.53 -2.57 -14.94
N THR A 67 17.12 -2.49 -16.12
CA THR A 67 17.36 -1.21 -16.78
C THR A 67 16.08 -0.62 -17.36
N VAL A 68 15.08 -1.47 -17.61
CA VAL A 68 13.78 -0.96 -18.07
C VAL A 68 13.16 -0.05 -17.00
N LYS A 69 12.57 1.06 -17.44
CA LYS A 69 11.98 2.01 -16.50
C LYS A 69 10.70 1.49 -15.89
N ASP A 70 10.44 1.90 -14.65
CA ASP A 70 9.18 1.58 -13.97
C ASP A 70 7.98 1.88 -14.85
N ARG A 71 7.90 3.11 -15.35
CA ARG A 71 6.75 3.49 -16.15
C ARG A 71 6.95 3.10 -17.62
N SER A 72 7.02 1.79 -17.86
CA SER A 72 7.23 1.24 -19.21
C SER A 72 5.90 0.95 -19.88
N PRO A 73 5.92 0.83 -21.22
CA PRO A 73 4.75 0.35 -21.97
C PRO A 73 4.41 -1.13 -21.72
N PHE A 74 5.28 -1.84 -21.01
CA PHE A 74 5.04 -3.26 -20.74
C PHE A 74 4.33 -3.49 -19.41
N ARG A 75 4.37 -2.50 -18.53
CA ARG A 75 3.89 -2.64 -17.16
C ARG A 75 2.40 -2.96 -17.11
N THR A 76 2.07 -4.09 -16.48
CA THR A 76 0.66 -4.47 -16.28
C THR A 76 0.38 -4.80 -14.81
N LEU A 77 -0.89 -4.63 -14.43
CA LEU A 77 -1.41 -5.11 -13.16
C LEU A 77 -1.96 -6.52 -13.36
N MET A 78 -1.53 -7.44 -12.50
CA MET A 78 -2.11 -8.78 -12.50
C MET A 78 -2.39 -9.18 -11.05
N SER A 79 -2.98 -10.36 -10.85
CA SER A 79 -3.27 -10.82 -9.49
C SER A 79 -3.40 -12.33 -9.36
N VAL A 80 -3.20 -12.81 -8.13
CA VAL A 80 -3.37 -14.22 -7.79
C VAL A 80 -4.00 -14.24 -6.42
N LYS A 81 -4.38 -15.42 -5.95
CA LYS A 81 -4.88 -15.55 -4.59
C LYS A 81 -3.75 -15.34 -3.59
N VAL A 82 -4.09 -14.80 -2.42
CA VAL A 82 -3.12 -14.44 -1.41
C VAL A 82 -2.29 -15.67 -0.99
N GLY A 83 -0.97 -15.53 -0.91
CA GLY A 83 -0.13 -16.68 -0.58
C GLY A 83 0.43 -17.42 -1.80
N GLN A 84 -0.28 -17.36 -2.93
CA GLN A 84 0.30 -17.82 -4.18
C GLN A 84 1.39 -16.87 -4.64
N SER A 85 2.37 -17.40 -5.36
CA SER A 85 3.44 -16.59 -5.94
C SER A 85 2.88 -15.93 -7.19
N PRO A 86 3.45 -14.79 -7.60
CA PRO A 86 2.99 -14.15 -8.83
C PRO A 86 3.51 -14.91 -10.06
N ASN A 87 3.05 -16.15 -10.18
CA ASN A 87 3.49 -17.02 -11.26
C ASN A 87 2.58 -16.85 -12.46
N VAL A 88 3.09 -17.24 -13.63
CA VAL A 88 2.38 -17.01 -14.87
C VAL A 88 1.07 -17.78 -14.99
N TYR A 89 1.08 -19.02 -14.50
CA TYR A 89 0.00 -19.95 -14.83
C TYR A 89 -1.15 -19.91 -13.83
N GLN A 90 -1.01 -19.08 -12.80
CA GLN A 90 -2.11 -18.85 -11.86
C GLN A 90 -2.58 -17.40 -11.90
N ALA A 91 -1.94 -16.60 -12.75
CA ALA A 91 -2.19 -15.16 -12.79
C ALA A 91 -3.44 -14.76 -13.57
N ARG A 92 -4.14 -13.75 -13.05
CA ARG A 92 -5.29 -13.14 -13.70
C ARG A 92 -4.88 -11.75 -14.16
N PHE A 93 -5.14 -11.42 -15.42
CA PHE A 93 -4.86 -10.08 -15.90
C PHE A 93 -5.88 -9.08 -15.38
N GLU A 94 -5.41 -7.88 -15.04
CA GLU A 94 -6.30 -6.85 -14.51
C GLU A 94 -6.34 -5.58 -15.34
N ALA A 95 -5.18 -4.99 -15.62
CA ALA A 95 -5.12 -3.69 -16.29
C ALA A 95 -3.73 -3.35 -16.80
N VAL A 96 -3.64 -2.57 -17.88
CA VAL A 96 -2.35 -1.98 -18.25
C VAL A 96 -2.05 -0.88 -17.21
N ALA A 97 -0.89 -0.94 -16.57
CA ALA A 97 -0.64 -0.10 -15.39
C ALA A 97 0.82 -0.01 -14.95
N TRP A 98 1.31 1.21 -14.73
CA TRP A 98 2.54 1.38 -13.96
C TRP A 98 2.24 2.03 -12.61
N SER A 99 0.97 2.30 -12.36
CA SER A 99 0.46 2.64 -11.03
C SER A 99 -0.96 2.09 -10.93
N ALA A 100 -1.36 1.65 -9.73
CA ALA A 100 -2.59 0.89 -9.57
C ALA A 100 -3.24 1.00 -8.19
N THR A 101 -4.54 0.73 -8.15
CA THR A 101 -5.23 0.44 -6.91
C THR A 101 -6.34 -0.53 -7.28
N ALA A 102 -6.93 -1.21 -6.31
CA ALA A 102 -7.95 -2.22 -6.59
C ALA A 102 -8.75 -2.59 -5.35
N CYS A 103 -10.06 -2.79 -5.54
CA CYS A 103 -10.94 -3.15 -4.43
C CYS A 103 -12.21 -3.78 -4.98
N HIS A 104 -12.92 -4.50 -4.12
CA HIS A 104 -14.14 -5.22 -4.51
C HIS A 104 -15.33 -4.61 -3.79
N ASP A 105 -16.40 -4.29 -4.51
CA ASP A 105 -17.54 -3.63 -3.88
C ASP A 105 -18.53 -4.62 -3.27
N GLY A 106 -18.24 -5.91 -3.40
CA GLY A 106 -19.12 -6.92 -2.86
C GLY A 106 -19.83 -7.67 -3.97
N LYS A 107 -19.98 -7.02 -5.11
CA LYS A 107 -20.51 -7.68 -6.30
C LYS A 107 -19.37 -8.05 -7.25
N LYS A 108 -18.58 -7.04 -7.65
CA LYS A 108 -17.45 -7.27 -8.55
C LYS A 108 -16.14 -6.59 -8.13
N TRP A 109 -15.07 -6.90 -8.87
CA TRP A 109 -13.78 -6.26 -8.67
C TRP A 109 -13.69 -4.96 -9.47
N MET A 110 -13.24 -3.90 -8.82
CA MET A 110 -12.88 -2.68 -9.54
C MET A 110 -11.38 -2.49 -9.46
N THR A 111 -10.76 -2.20 -10.59
CA THR A 111 -9.34 -1.85 -10.61
C THR A 111 -9.16 -0.57 -11.38
N VAL A 112 -8.14 0.20 -10.99
CA VAL A 112 -7.73 1.39 -11.73
C VAL A 112 -6.27 1.20 -12.09
N GLY A 113 -5.96 1.25 -13.38
CA GLY A 113 -4.57 1.13 -13.80
C GLY A 113 -4.14 2.37 -14.59
N VAL A 114 -3.06 3.00 -14.15
CA VAL A 114 -2.52 4.17 -14.83
C VAL A 114 -1.40 3.80 -15.80
N THR A 115 -1.47 4.31 -17.02
CA THR A 115 -0.43 4.04 -18.00
C THR A 115 -0.33 5.25 -18.92
N GLY A 116 0.52 5.17 -19.94
CA GLY A 116 0.67 6.28 -20.86
C GLY A 116 1.87 7.14 -20.49
N PRO A 117 2.02 8.28 -21.16
CA PRO A 117 3.21 9.11 -20.98
C PRO A 117 3.08 9.99 -19.74
N ASP A 118 4.22 10.30 -19.10
CA ASP A 118 4.23 11.15 -17.91
C ASP A 118 3.48 12.47 -18.08
N SER A 119 3.53 13.02 -19.29
CA SER A 119 2.98 14.34 -19.57
C SER A 119 1.45 14.36 -19.66
N LYS A 120 0.85 13.18 -19.73
CA LYS A 120 -0.58 13.07 -20.00
C LYS A 120 -1.01 11.60 -19.88
N ALA A 121 -0.92 11.08 -18.66
CA ALA A 121 -1.19 9.66 -18.43
C ALA A 121 -2.70 9.41 -18.42
N VAL A 122 -3.09 8.15 -18.57
CA VAL A 122 -4.50 7.78 -18.54
C VAL A 122 -4.75 6.70 -17.52
N ALA A 123 -5.74 6.93 -16.67
CA ALA A 123 -6.10 6.00 -15.63
C ALA A 123 -7.36 5.32 -16.10
N VAL A 124 -7.26 4.02 -16.37
CA VAL A 124 -8.39 3.31 -16.91
C VAL A 124 -9.05 2.53 -15.80
N ILE A 125 -10.31 2.85 -15.53
CA ILE A 125 -11.03 2.10 -14.51
C ILE A 125 -11.62 0.82 -15.11
N HIS A 126 -11.37 -0.30 -14.46
CA HIS A 126 -11.92 -1.60 -14.85
C HIS A 126 -12.92 -2.04 -13.79
N TYR A 127 -14.07 -2.54 -14.24
CA TYR A 127 -15.06 -3.09 -13.33
C TYR A 127 -15.58 -4.41 -13.89
N GLY A 128 -15.39 -5.48 -13.12
CA GLY A 128 -15.86 -6.79 -13.52
C GLY A 128 -15.17 -7.37 -14.74
N GLY A 129 -13.95 -6.89 -15.03
CA GLY A 129 -13.14 -7.46 -16.09
C GLY A 129 -13.14 -6.72 -17.43
N VAL A 130 -13.74 -5.54 -17.47
CA VAL A 130 -13.72 -4.69 -18.66
C VAL A 130 -13.53 -3.22 -18.28
N PRO A 131 -12.90 -2.44 -19.16
CA PRO A 131 -12.81 -1.00 -18.88
C PRO A 131 -14.21 -0.36 -18.86
N THR A 132 -14.44 0.52 -17.90
CA THR A 132 -15.75 1.15 -17.75
C THR A 132 -15.69 2.68 -17.78
N ASP A 133 -14.59 3.25 -17.31
CA ASP A 133 -14.43 4.70 -17.31
C ASP A 133 -12.94 5.09 -17.31
N VAL A 134 -12.68 6.39 -17.37
CA VAL A 134 -11.34 6.91 -17.59
C VAL A 134 -11.08 8.21 -16.82
N ILE A 135 -9.83 8.40 -16.40
CA ILE A 135 -9.38 9.66 -15.82
C ILE A 135 -8.06 10.07 -16.47
N ASN A 136 -8.06 11.19 -17.19
CA ASN A 136 -6.82 11.71 -17.73
C ASN A 136 -6.13 12.65 -16.76
N SER A 137 -4.81 12.71 -16.86
CA SER A 137 -3.99 13.55 -16.00
C SER A 137 -4.50 14.98 -16.00
N TRP A 138 -4.75 15.54 -14.81
CA TRP A 138 -5.30 16.90 -14.72
C TRP A 138 -4.21 17.95 -14.55
N ALA A 139 -2.96 17.50 -14.42
CA ALA A 139 -1.87 18.41 -14.14
C ALA A 139 -0.60 18.09 -14.92
N GLY A 140 -0.69 17.12 -15.82
CA GLY A 140 0.39 16.84 -16.74
C GLY A 140 1.72 16.42 -16.14
N ASP A 141 1.70 15.81 -14.96
CA ASP A 141 2.95 15.40 -14.31
C ASP A 141 2.81 14.08 -13.53
N ILE A 142 2.81 12.97 -14.27
CA ILE A 142 2.75 11.61 -13.71
C ILE A 142 1.54 11.35 -12.81
N LEU A 143 0.36 11.28 -13.43
CA LEU A 143 -0.84 10.85 -12.73
C LEU A 143 -0.57 9.50 -12.07
N ARG A 144 -0.87 9.38 -10.79
CA ARG A 144 -0.56 8.15 -10.07
C ARG A 144 -1.51 7.93 -8.90
N THR A 145 -1.50 6.71 -8.36
CA THR A 145 -2.43 6.38 -7.28
C THR A 145 -1.81 5.50 -6.17
N GLN A 146 -2.66 4.81 -5.41
CA GLN A 146 -2.26 4.25 -4.11
C GLN A 146 -1.19 3.15 -4.10
N GLU A 147 -1.22 2.24 -5.07
CA GLU A 147 -0.43 0.99 -4.99
C GLU A 147 -0.84 0.15 -3.77
N SER A 148 -2.09 0.30 -3.35
CA SER A 148 -2.68 -0.60 -2.37
C SER A 148 -4.17 -0.62 -2.59
N SER A 149 -4.84 -1.48 -1.84
CA SER A 149 -6.30 -1.63 -1.92
C SER A 149 -7.03 -0.29 -1.84
N CYS A 150 -7.99 -0.09 -2.73
CA CYS A 150 -8.91 1.04 -2.55
C CYS A 150 -9.99 0.60 -1.56
N THR A 151 -11.05 1.39 -1.43
CA THR A 151 -12.01 1.19 -0.35
C THR A 151 -13.43 1.39 -0.81
N CYS A 152 -14.24 0.36 -0.61
CA CYS A 152 -15.63 0.35 -1.01
C CYS A 152 -16.52 0.35 0.22
N ILE A 153 -17.43 1.32 0.28
CA ILE A 153 -18.40 1.36 1.37
C ILE A 153 -19.80 1.46 0.77
N GLN A 154 -20.66 0.50 1.13
CA GLN A 154 -22.04 0.48 0.64
C GLN A 154 -22.16 0.62 -0.89
N GLY A 155 -21.23 0.01 -1.61
CA GLY A 155 -21.33 -0.03 -3.07
C GLY A 155 -20.54 1.03 -3.80
N ASP A 156 -20.19 2.12 -3.11
CA ASP A 156 -19.35 3.15 -3.72
C ASP A 156 -17.91 2.99 -3.27
N CYS A 157 -16.99 3.11 -4.22
CA CYS A 157 -15.57 2.90 -3.94
C CYS A 157 -14.78 4.22 -4.08
N TYR A 158 -13.82 4.41 -3.18
CA TYR A 158 -13.06 5.66 -3.13
C TYR A 158 -11.57 5.39 -3.24
N TRP A 159 -10.84 6.33 -3.84
CA TRP A 159 -9.39 6.26 -3.82
C TRP A 159 -8.71 7.61 -3.96
N VAL A 160 -7.43 7.67 -3.61
CA VAL A 160 -6.71 8.93 -3.65
C VAL A 160 -5.71 8.92 -4.81
N MET A 161 -5.64 10.03 -5.54
CA MET A 161 -4.71 10.17 -6.65
C MET A 161 -3.88 11.44 -6.52
N THR A 162 -2.66 11.38 -7.05
CA THR A 162 -1.76 12.55 -7.07
C THR A 162 -1.35 12.87 -8.52
N ASP A 163 -1.13 14.15 -8.82
CA ASP A 163 -0.61 14.56 -10.12
C ASP A 163 0.27 15.80 -9.89
N GLY A 164 1.55 15.68 -10.21
CA GLY A 164 2.49 16.77 -10.01
C GLY A 164 3.81 16.27 -9.44
N PRO A 165 4.67 17.20 -9.02
CA PRO A 165 6.03 16.90 -8.57
C PRO A 165 6.06 15.86 -7.45
N ALA A 166 7.09 15.02 -7.46
CA ALA A 166 7.25 13.98 -6.44
C ALA A 166 8.09 14.47 -5.27
N ASN A 167 8.56 15.71 -5.36
CA ASN A 167 9.43 16.27 -4.33
C ASN A 167 9.09 17.72 -3.94
N ARG A 168 7.98 18.25 -4.47
CA ARG A 168 7.49 19.59 -4.11
C ARG A 168 5.97 19.52 -4.06
N GLN A 169 5.32 20.68 -3.93
CA GLN A 169 3.87 20.76 -3.97
C GLN A 169 3.32 20.06 -5.18
N ALA A 170 2.46 19.07 -4.95
CA ALA A 170 1.74 18.45 -6.05
C ALA A 170 0.26 18.75 -5.85
N GLN A 171 -0.58 18.16 -6.69
CA GLN A 171 -2.01 18.25 -6.49
C GLN A 171 -2.56 16.88 -6.14
N TYR A 172 -3.56 16.85 -5.27
CA TYR A 172 -4.04 15.58 -4.73
C TYR A 172 -5.56 15.58 -4.90
N ARG A 173 -6.12 14.44 -5.28
CA ARG A 173 -7.57 14.35 -5.47
C ARG A 173 -8.15 13.07 -4.91
N ILE A 174 -9.41 13.14 -4.51
CA ILE A 174 -10.18 11.99 -4.08
C ILE A 174 -11.17 11.65 -5.18
N TYR A 175 -11.19 10.40 -5.63
CA TYR A 175 -12.20 9.99 -6.60
C TYR A 175 -13.16 8.98 -6.00
N LYS A 176 -14.37 8.94 -6.55
CA LYS A 176 -15.41 8.05 -6.06
C LYS A 176 -16.11 7.45 -7.27
N ALA A 177 -16.32 6.14 -7.23
CA ALA A 177 -16.98 5.42 -8.32
C ALA A 177 -18.06 4.48 -7.81
N ASN A 178 -19.07 4.25 -8.65
CA ASN A 178 -19.99 3.13 -8.45
C ASN A 178 -20.06 2.32 -9.73
N GLN A 179 -19.87 1.01 -9.60
CA GLN A 179 -19.89 0.10 -10.74
C GLN A 179 -18.93 0.52 -11.85
N GLY A 180 -17.77 1.04 -11.47
CA GLY A 180 -16.74 1.39 -12.43
C GLY A 180 -16.96 2.72 -13.12
N ARG A 181 -17.96 3.48 -12.66
CA ARG A 181 -18.24 4.79 -13.23
C ARG A 181 -17.98 5.88 -12.22
N ILE A 182 -17.24 6.90 -12.63
CA ILE A 182 -16.96 8.04 -11.75
C ILE A 182 -18.25 8.78 -11.42
N ILE A 183 -18.50 8.98 -10.12
CA ILE A 183 -19.72 9.66 -9.67
C ILE A 183 -19.42 10.91 -8.85
N GLY A 184 -18.16 11.12 -8.53
CA GLY A 184 -17.75 12.25 -7.74
C GLY A 184 -16.24 12.34 -7.58
N GLN A 185 -15.76 13.56 -7.32
CA GLN A 185 -14.36 13.82 -7.07
C GLN A 185 -14.21 15.11 -6.27
N ALA A 186 -13.07 15.27 -5.61
CA ALA A 186 -12.81 16.43 -4.77
C ALA A 186 -11.32 16.71 -4.72
N ASP A 187 -10.93 17.98 -4.85
CA ASP A 187 -9.55 18.40 -4.71
C ASP A 187 -9.18 18.50 -3.23
N ILE A 188 -8.01 17.94 -2.88
CA ILE A 188 -7.53 18.01 -1.51
C ILE A 188 -6.63 19.23 -1.29
N SER A 189 -7.10 20.17 -0.47
CA SER A 189 -6.31 21.35 -0.16
C SER A 189 -5.27 21.07 0.93
N PHE A 190 -3.99 21.16 0.57
CA PHE A 190 -2.91 20.68 1.43
C PHE A 190 -1.63 21.45 1.12
N ASN A 191 -1.72 22.78 1.16
CA ASN A 191 -0.56 23.63 0.93
C ASN A 191 0.56 23.33 1.91
N GLY A 192 1.75 23.03 1.39
CA GLY A 192 2.88 22.71 2.26
C GLY A 192 2.92 21.24 2.60
N GLY A 193 1.84 20.52 2.29
CA GLY A 193 1.77 19.07 2.50
C GLY A 193 1.99 18.27 1.23
N HIS A 194 2.36 16.99 1.38
CA HIS A 194 2.61 16.13 0.23
C HIS A 194 1.96 14.76 0.42
N ILE A 195 1.17 14.34 -0.57
CA ILE A 195 0.45 13.06 -0.50
C ILE A 195 0.85 12.12 -1.64
N GLU A 196 1.34 10.94 -1.27
CA GLU A 196 1.69 9.90 -2.23
C GLU A 196 1.25 8.54 -1.70
N GLU A 197 0.83 7.66 -2.61
CA GLU A 197 0.69 6.24 -2.31
C GLU A 197 -0.08 5.95 -1.02
N CYS A 198 -1.36 6.34 -0.98
CA CYS A 198 -2.11 6.25 0.28
C CYS A 198 -2.45 4.82 0.61
N SER A 199 -2.40 4.48 1.89
CA SER A 199 -2.82 3.19 2.39
C SER A 199 -4.10 3.41 3.16
N CYS A 200 -5.21 2.93 2.60
CA CYS A 200 -6.52 3.26 3.15
C CYS A 200 -7.19 2.00 3.70
N TYR A 201 -8.27 2.21 4.43
CA TYR A 201 -9.10 1.15 4.98
C TYR A 201 -10.40 1.83 5.41
N PRO A 202 -11.50 1.06 5.51
CA PRO A 202 -12.71 1.70 6.03
C PRO A 202 -12.76 1.65 7.56
N ASN A 203 -13.39 2.65 8.19
CA ASN A 203 -13.56 2.68 9.65
C ASN A 203 -14.73 3.61 9.97
N ASP A 204 -15.77 3.04 10.60
CA ASP A 204 -16.93 3.81 11.06
C ASP A 204 -17.64 4.54 9.93
N GLY A 205 -17.59 3.98 8.74
CA GLY A 205 -18.32 4.54 7.62
C GLY A 205 -17.56 5.65 6.92
N LYS A 206 -16.28 5.77 7.24
CA LYS A 206 -15.40 6.69 6.55
C LYS A 206 -14.18 5.96 6.00
N VAL A 207 -13.48 6.62 5.08
CA VAL A 207 -12.27 6.08 4.50
C VAL A 207 -11.08 6.77 5.16
N GLU A 208 -10.25 6.01 5.86
CA GLU A 208 -9.10 6.61 6.52
C GLU A 208 -7.85 6.21 5.76
N CYS A 209 -6.98 7.18 5.52
CA CYS A 209 -5.75 6.92 4.76
C CYS A 209 -4.51 7.42 5.45
N VAL A 210 -3.46 6.62 5.39
CA VAL A 210 -2.17 6.98 5.92
C VAL A 210 -1.23 6.93 4.73
N CYS A 211 -0.64 8.07 4.38
CA CYS A 211 0.07 8.16 3.11
C CYS A 211 1.58 8.38 3.23
N ARG A 212 2.18 8.89 2.16
CA ARG A 212 3.61 9.17 2.14
C ARG A 212 3.90 10.61 1.70
N ASP A 213 4.52 11.39 2.59
CA ASP A 213 5.04 12.69 2.21
C ASP A 213 6.42 12.45 1.61
N ASN A 214 6.58 12.86 0.36
CA ASN A 214 7.86 12.71 -0.34
C ASN A 214 8.57 14.05 -0.49
N TRP A 215 8.12 15.04 0.27
CA TRP A 215 8.61 16.42 0.17
C TRP A 215 9.52 16.76 1.35
N THR A 216 8.94 17.06 2.51
CA THR A 216 9.75 17.39 3.69
C THR A 216 9.36 16.61 4.94
N GLY A 217 8.41 15.69 4.83
CA GLY A 217 7.84 15.06 6.02
C GLY A 217 8.33 13.66 6.35
N THR A 218 8.75 13.47 7.60
CA THR A 218 9.13 12.14 8.10
C THR A 218 7.98 11.49 8.87
N ASN A 219 6.96 12.29 9.15
CA ASN A 219 5.69 11.76 9.64
C ASN A 219 4.77 11.56 8.45
N ARG A 220 3.72 10.77 8.62
CA ARG A 220 2.83 10.43 7.50
C ARG A 220 1.56 11.28 7.48
N PRO A 221 1.19 11.78 6.29
CA PRO A 221 -0.09 12.44 6.13
C PRO A 221 -1.27 11.51 6.40
N VAL A 222 -2.34 12.05 6.96
CA VAL A 222 -3.56 11.29 7.23
C VAL A 222 -4.71 12.05 6.59
N LEU A 223 -5.52 11.33 5.83
CA LEU A 223 -6.67 11.93 5.16
C LEU A 223 -7.91 11.12 5.52
N VAL A 224 -8.92 11.76 6.10
CA VAL A 224 -10.15 11.06 6.45
C VAL A 224 -11.31 11.51 5.56
N ILE A 225 -11.88 10.57 4.81
CA ILE A 225 -12.82 10.90 3.74
C ILE A 225 -14.24 10.44 4.05
N SER A 226 -15.19 11.36 3.97
CA SER A 226 -16.59 11.05 4.17
C SER A 226 -17.24 10.79 2.82
N PRO A 227 -18.37 10.05 2.81
CA PRO A 227 -18.99 9.69 1.53
C PRO A 227 -19.43 10.86 0.64
N ASP A 228 -19.67 12.03 1.22
CA ASP A 228 -20.02 13.20 0.41
C ASP A 228 -18.77 13.90 -0.09
N LEU A 229 -17.62 13.27 0.15
CA LEU A 229 -16.31 13.76 -0.28
C LEU A 229 -15.82 15.04 0.45
N SER A 230 -16.52 15.43 1.50
CA SER A 230 -15.91 16.35 2.45
C SER A 230 -14.82 15.51 3.08
N TYR A 231 -13.77 16.16 3.56
CA TYR A 231 -12.65 15.41 4.11
C TYR A 231 -11.97 16.17 5.23
N ARG A 232 -11.11 15.46 5.94
CA ARG A 232 -10.21 16.08 6.90
C ARG A 232 -8.83 15.62 6.47
N VAL A 233 -7.89 16.54 6.45
CA VAL A 233 -6.54 16.22 6.00
C VAL A 233 -5.51 16.76 6.99
N GLY A 234 -4.44 16.01 7.24
CA GLY A 234 -3.40 16.48 8.12
C GLY A 234 -2.25 15.50 8.22
N TYR A 235 -1.62 15.46 9.39
CA TYR A 235 -0.55 14.49 9.62
C TYR A 235 -0.86 13.58 10.83
N LEU A 236 -0.30 12.38 10.81
CA LEU A 236 -0.44 11.46 11.93
C LEU A 236 0.14 12.13 13.17
N CYS A 237 -0.73 12.37 14.16
CA CYS A 237 -0.41 13.19 15.34
C CYS A 237 0.82 12.73 16.09
N ALA A 238 0.94 11.41 16.27
CA ALA A 238 2.00 10.78 17.08
C ALA A 238 3.36 11.47 17.00
N GLY A 239 4.01 11.56 18.15
CA GLY A 239 5.33 12.16 18.25
C GLY A 239 6.44 11.21 17.88
N ILE A 240 6.12 10.26 17.00
CA ILE A 240 7.12 9.35 16.47
C ILE A 240 6.99 9.24 14.95
N PRO A 241 8.12 9.40 14.23
CA PRO A 241 8.03 9.38 12.76
C PRO A 241 7.96 7.94 12.26
N SER A 242 7.21 7.69 11.18
CA SER A 242 7.15 6.35 10.62
C SER A 242 7.50 6.24 9.14
N ASP A 243 7.97 7.34 8.52
CA ASP A 243 8.45 7.29 7.12
C ASP A 243 9.91 6.81 7.08
N THR A 244 10.44 6.63 5.88
CA THR A 244 11.84 6.26 5.69
C THR A 244 12.37 6.96 4.43
N PRO A 245 13.47 7.72 4.56
CA PRO A 245 14.26 7.95 5.77
C PRO A 245 13.58 8.88 6.78
N ARG A 246 14.08 8.86 8.01
CA ARG A 246 13.56 9.68 9.10
C ARG A 246 14.70 9.85 10.10
N GLY A 247 14.51 10.73 11.08
CA GLY A 247 15.49 10.89 12.13
C GLY A 247 15.11 10.01 13.30
N GLU A 248 15.79 10.17 14.43
CA GLU A 248 15.52 9.36 15.61
C GLU A 248 14.29 9.86 16.35
N ASP A 249 13.64 8.95 17.08
CA ASP A 249 12.40 9.29 17.81
C ASP A 249 12.61 10.46 18.80
N ALA A 250 13.70 10.40 19.54
CA ALA A 250 14.04 11.44 20.52
C ALA A 250 14.24 12.83 19.88
N GLN A 251 14.63 12.86 18.61
CA GLN A 251 14.83 14.15 17.93
C GLN A 251 13.58 14.63 17.19
N PHE A 252 12.44 14.02 17.50
CA PHE A 252 11.21 14.29 16.74
C PHE A 252 10.14 14.91 17.63
N THR A 253 9.40 15.87 17.08
CA THR A 253 8.22 16.40 17.74
C THR A 253 7.05 16.25 16.76
N GLY A 254 5.96 15.65 17.23
CA GLY A 254 4.83 15.36 16.36
C GLY A 254 3.97 16.57 16.01
N SER A 255 3.08 16.37 15.04
CA SER A 255 2.11 17.39 14.66
C SER A 255 0.89 16.79 13.98
N CYS A 256 -0.29 17.26 14.32
CA CYS A 256 -1.51 16.74 13.73
C CYS A 256 -1.79 17.42 12.39
N THR A 257 -1.04 18.47 12.08
CA THR A 257 -1.40 19.38 10.99
C THR A 257 -0.33 19.55 9.94
N SER A 258 0.92 19.39 10.35
CA SER A 258 2.06 19.83 9.56
C SER A 258 3.13 18.75 9.45
N PRO A 259 3.92 18.78 8.36
CA PRO A 259 5.00 17.81 8.24
C PRO A 259 6.15 18.19 9.16
N MET A 260 6.75 17.20 9.82
CA MET A 260 7.93 17.43 10.64
C MET A 260 9.07 16.54 10.16
N GLY A 261 10.29 16.87 10.55
CA GLY A 261 11.44 16.03 10.23
C GLY A 261 12.42 16.60 9.22
N ASN A 262 11.93 17.49 8.38
CA ASN A 262 12.73 18.06 7.29
C ASN A 262 13.67 17.07 6.59
N GLN A 263 13.08 16.08 5.91
CA GLN A 263 13.85 15.18 5.05
C GLN A 263 13.03 14.86 3.80
N GLY A 264 13.73 14.57 2.71
CA GLY A 264 13.06 14.23 1.47
C GLY A 264 12.77 12.74 1.39
N TYR A 265 12.35 12.30 0.20
CA TYR A 265 12.09 10.89 -0.07
C TYR A 265 11.06 10.28 0.88
N GLY A 266 10.89 8.96 0.80
CA GLY A 266 9.89 8.30 1.60
C GLY A 266 9.71 6.87 1.18
N VAL A 267 8.75 6.20 1.80
CA VAL A 267 8.41 4.84 1.44
C VAL A 267 6.94 4.68 1.74
N LYS A 268 6.23 3.96 0.88
CA LYS A 268 4.83 3.69 1.14
C LYS A 268 4.70 2.94 2.47
N GLY A 269 3.73 3.34 3.28
CA GLY A 269 3.50 2.71 4.56
C GLY A 269 2.05 2.84 4.98
N PHE A 270 1.73 2.37 6.18
CA PHE A 270 0.34 2.32 6.63
C PHE A 270 0.23 2.62 8.11
N GLY A 271 -1.01 2.75 8.55
CA GLY A 271 -1.31 2.94 9.96
C GLY A 271 -2.77 2.58 10.16
N PHE A 272 -3.10 2.09 11.35
CA PHE A 272 -4.50 1.81 11.69
C PHE A 272 -4.95 2.54 12.95
N ARG A 273 -6.06 3.26 12.86
CA ARG A 273 -6.64 3.91 14.02
C ARG A 273 -7.25 2.87 14.94
N GLN A 274 -7.02 3.01 16.24
CA GLN A 274 -7.63 2.17 17.25
C GLN A 274 -8.23 3.07 18.31
N GLY A 275 -9.47 3.50 18.09
CA GLY A 275 -10.07 4.51 18.94
C GLY A 275 -9.29 5.81 18.78
N THR A 276 -8.42 6.10 19.75
CA THR A 276 -7.55 7.26 19.67
C THR A 276 -6.09 6.85 19.55
N ASP A 277 -5.81 5.56 19.76
CA ASP A 277 -4.47 5.00 19.59
C ASP A 277 -4.17 4.81 18.10
N VAL A 278 -2.92 4.49 17.77
CA VAL A 278 -2.59 4.07 16.40
C VAL A 278 -1.63 2.91 16.37
N TRP A 279 -1.81 2.05 15.37
CA TRP A 279 -0.77 1.10 15.00
C TRP A 279 -0.06 1.72 13.81
N MET A 280 1.26 1.85 13.90
CA MET A 280 2.00 2.45 12.80
C MET A 280 3.07 1.48 12.34
N GLY A 281 3.12 1.22 11.05
CA GLY A 281 4.16 0.38 10.49
C GLY A 281 5.36 1.23 10.13
N ARG A 282 6.55 0.64 10.20
CA ARG A 282 7.76 1.31 9.74
C ARG A 282 8.91 0.34 9.56
N THR A 283 9.86 0.72 8.72
CA THR A 283 11.09 -0.05 8.58
C THR A 283 11.86 0.10 9.87
N ILE A 284 12.64 -0.92 10.25
CA ILE A 284 13.43 -0.81 11.47
C ILE A 284 14.54 0.23 11.32
N SER A 285 15.32 0.13 10.25
CA SER A 285 16.35 1.11 9.94
C SER A 285 15.70 2.47 9.77
N ARG A 286 16.41 3.53 10.17
CA ARG A 286 15.88 4.88 10.00
C ARG A 286 16.16 5.39 8.60
N THR A 287 17.07 4.72 7.90
CA THR A 287 17.67 5.25 6.68
C THR A 287 17.44 4.35 5.48
N SER A 288 17.27 3.06 5.73
CA SER A 288 17.09 2.12 4.64
C SER A 288 15.84 1.27 4.79
N ARG A 289 15.44 0.65 3.69
CA ARG A 289 14.24 -0.20 3.62
C ARG A 289 14.55 -1.62 4.09
N SER A 290 14.99 -1.71 5.33
CA SER A 290 15.31 -3.00 5.93
C SER A 290 14.53 -3.14 7.22
N GLY A 291 14.17 -4.39 7.54
CA GLY A 291 13.34 -4.65 8.69
C GLY A 291 11.92 -4.10 8.56
N PHE A 292 11.02 -4.67 9.36
CA PHE A 292 9.68 -4.12 9.53
C PHE A 292 9.11 -4.42 10.91
N GLU A 293 8.70 -3.35 11.59
CA GLU A 293 8.05 -3.46 12.88
C GLU A 293 6.74 -2.70 12.84
N ILE A 294 5.84 -3.02 13.77
CA ILE A 294 4.64 -2.23 13.97
C ILE A 294 4.50 -1.84 15.44
N LEU A 295 4.17 -0.57 15.67
CA LEU A 295 4.12 0.00 17.02
C LEU A 295 2.72 0.49 17.35
N ARG A 296 2.27 0.26 18.57
CA ARG A 296 1.04 0.90 19.01
C ARG A 296 1.34 2.11 19.91
N ILE A 297 0.95 3.29 19.45
CA ILE A 297 1.16 4.50 20.25
C ILE A 297 -0.15 4.94 20.87
N LYS A 298 -0.22 4.89 22.20
CA LYS A 298 -1.43 5.31 22.89
C LYS A 298 -1.78 6.76 22.56
N ASN A 299 -3.03 6.99 22.17
CA ASN A 299 -3.51 8.31 21.81
C ASN A 299 -2.76 8.93 20.63
N GLY A 300 -2.06 8.10 19.87
CA GLY A 300 -1.27 8.57 18.75
C GLY A 300 -2.06 9.05 17.54
N TRP A 301 -3.36 8.75 17.49
CA TRP A 301 -4.17 9.20 16.37
C TRP A 301 -4.62 10.63 16.58
N THR A 302 -4.74 11.01 17.84
CA THR A 302 -5.32 12.30 18.20
C THR A 302 -4.35 13.23 18.94
N GLN A 303 -3.27 12.67 19.50
CA GLN A 303 -2.32 13.48 20.25
C GLN A 303 -0.89 13.27 19.77
N THR A 304 -0.04 14.26 20.03
CA THR A 304 1.39 14.15 19.72
C THR A 304 2.10 13.19 20.68
N SER A 305 1.45 12.08 20.98
CA SER A 305 1.93 11.14 21.97
C SER A 305 3.24 10.44 21.58
N LYS A 306 4.01 10.06 22.60
CA LYS A 306 5.21 9.24 22.41
C LYS A 306 5.06 7.99 23.28
N GLU A 307 3.84 7.74 23.74
CA GLU A 307 3.59 6.63 24.65
C GLU A 307 3.40 5.32 23.89
N GLN A 308 4.51 4.64 23.64
CA GLN A 308 4.48 3.37 22.95
C GLN A 308 4.09 2.26 23.92
N VAL A 309 3.04 1.53 23.58
CA VAL A 309 2.51 0.49 24.49
C VAL A 309 2.64 -0.92 23.92
N ARG A 310 2.84 -1.02 22.59
CA ARG A 310 3.12 -2.30 21.94
C ARG A 310 4.13 -2.17 20.80
N LYS A 311 4.82 -3.26 20.51
CA LYS A 311 5.77 -3.34 19.41
C LYS A 311 5.89 -4.80 18.97
N GLN A 312 5.79 -5.03 17.67
CA GLN A 312 5.90 -6.39 17.14
C GLN A 312 6.79 -6.36 15.91
N VAL A 313 7.80 -7.21 15.91
CA VAL A 313 8.75 -7.29 14.80
C VAL A 313 8.33 -8.44 13.89
N VAL A 314 8.32 -8.18 12.59
CA VAL A 314 7.82 -9.13 11.61
C VAL A 314 8.90 -9.49 10.57
N VAL A 315 9.84 -8.56 10.36
CA VAL A 315 11.02 -8.79 9.53
C VAL A 315 12.24 -8.14 10.21
N ASP A 316 13.24 -8.93 10.61
CA ASP A 316 14.37 -8.33 11.34
C ASP A 316 15.18 -7.34 10.51
N ASN A 317 16.08 -6.61 11.16
CA ASN A 317 16.84 -5.56 10.47
C ASN A 317 18.01 -6.11 9.66
N LEU A 318 18.10 -7.43 9.57
CA LEU A 318 19.12 -8.07 8.76
C LEU A 318 18.56 -8.38 7.38
N ASN A 319 17.27 -8.08 7.21
CA ASN A 319 16.61 -8.40 5.95
C ASN A 319 15.88 -7.24 5.31
N TRP A 320 15.82 -7.27 4.00
CA TRP A 320 15.22 -6.18 3.25
C TRP A 320 13.70 -6.17 3.37
N SER A 321 13.15 -4.96 3.49
CA SER A 321 11.71 -4.79 3.41
C SER A 321 11.35 -3.98 2.16
N GLY A 322 10.52 -2.96 2.32
CA GLY A 322 10.04 -2.21 1.18
C GLY A 322 8.68 -1.59 1.47
N TYR A 323 7.83 -1.50 0.46
CA TYR A 323 6.48 -0.95 0.63
C TYR A 323 5.65 -1.76 1.63
N SER A 324 4.69 -1.09 2.24
CA SER A 324 3.69 -1.75 3.08
C SER A 324 2.35 -1.03 2.89
N GLY A 325 1.25 -1.75 3.06
CA GLY A 325 -0.06 -1.16 2.85
C GLY A 325 -1.17 -1.85 3.63
N SER A 326 -2.30 -1.17 3.74
CA SER A 326 -3.43 -1.62 4.55
C SER A 326 -4.58 -2.23 3.74
N PHE A 327 -5.29 -3.17 4.35
CA PHE A 327 -6.57 -3.65 3.83
C PHE A 327 -7.34 -4.25 5.01
N THR A 328 -8.62 -4.55 4.82
CA THR A 328 -9.42 -5.18 5.88
C THR A 328 -10.07 -6.48 5.41
N LEU A 329 -10.40 -7.36 6.36
CA LEU A 329 -11.17 -8.56 6.05
C LEU A 329 -12.64 -8.18 6.06
N PRO A 330 -13.39 -8.64 5.05
CA PRO A 330 -14.84 -8.42 4.99
C PRO A 330 -15.48 -9.18 6.14
N VAL A 331 -16.59 -8.69 6.67
CA VAL A 331 -17.22 -9.38 7.80
C VAL A 331 -17.76 -10.73 7.33
N GLU A 332 -17.98 -10.83 6.02
CA GLU A 332 -18.50 -12.03 5.39
C GLU A 332 -17.48 -13.18 5.42
N LEU A 333 -16.22 -12.85 5.64
CA LEU A 333 -15.15 -13.85 5.74
C LEU A 333 -14.68 -14.03 7.18
N SER A 334 -14.49 -12.92 7.89
CA SER A 334 -14.00 -12.99 9.28
C SER A 334 -15.04 -13.56 10.23
N GLY A 335 -16.32 -13.32 9.94
CA GLY A 335 -17.39 -13.69 10.85
C GLY A 335 -17.42 -12.79 12.08
N LYS A 336 -16.68 -11.70 12.04
CA LYS A 336 -16.69 -10.72 13.13
C LYS A 336 -17.63 -9.54 12.85
N ASP A 337 -17.92 -8.78 13.90
CA ASP A 337 -18.81 -7.63 13.79
C ASP A 337 -17.98 -6.35 13.67
N CYS A 338 -16.67 -6.53 13.52
CA CYS A 338 -15.80 -5.40 13.22
C CYS A 338 -14.94 -5.72 11.99
N LEU A 339 -14.26 -4.69 11.49
CA LEU A 339 -13.38 -4.84 10.33
C LEU A 339 -11.94 -5.15 10.73
N VAL A 340 -11.56 -6.42 10.63
CA VAL A 340 -10.21 -6.87 10.98
C VAL A 340 -9.16 -6.11 10.17
N PRO A 341 -8.26 -5.39 10.87
CA PRO A 341 -7.21 -4.62 10.18
C PRO A 341 -6.09 -5.55 9.74
N CYS A 342 -5.60 -5.37 8.52
CA CYS A 342 -4.59 -6.26 7.98
C CYS A 342 -3.55 -5.48 7.18
N PHE A 343 -2.35 -6.02 7.07
CA PHE A 343 -1.33 -5.41 6.23
C PHE A 343 -0.44 -6.42 5.53
N TRP A 344 0.11 -5.99 4.39
CA TRP A 344 1.13 -6.73 3.67
C TRP A 344 2.45 -5.96 3.75
N VAL A 345 3.55 -6.72 3.80
CA VAL A 345 4.88 -6.11 3.73
C VAL A 345 5.63 -6.66 2.52
N GLU A 346 6.01 -5.76 1.62
CA GLU A 346 6.81 -6.14 0.44
C GLU A 346 8.27 -6.29 0.85
N MET A 347 8.95 -7.29 0.31
CA MET A 347 10.36 -7.51 0.66
C MET A 347 11.21 -7.50 -0.59
N ILE A 348 11.92 -6.40 -0.80
CA ILE A 348 12.62 -6.16 -2.06
C ILE A 348 14.00 -6.84 -2.13
N ARG A 349 14.23 -7.60 -3.20
CA ARG A 349 15.53 -8.27 -3.43
C ARG A 349 16.17 -7.80 -4.74
N GLY A 350 17.51 -7.82 -4.79
CA GLY A 350 18.23 -7.40 -5.99
C GLY A 350 18.71 -5.96 -5.89
N LYS A 351 18.76 -5.27 -7.05
CA LYS A 351 19.22 -3.89 -7.09
C LYS A 351 18.31 -2.96 -6.31
N PRO A 352 18.87 -1.86 -5.77
CA PRO A 352 20.30 -1.52 -5.79
C PRO A 352 21.12 -2.18 -4.67
N GLU A 353 20.47 -2.76 -3.67
CA GLU A 353 21.19 -3.24 -2.49
C GLU A 353 22.12 -4.44 -2.74
N GLU A 354 21.79 -5.26 -3.73
CA GLU A 354 22.49 -6.52 -3.92
C GLU A 354 22.99 -6.59 -5.35
N LYS A 355 23.97 -7.46 -5.64
CA LYS A 355 24.52 -7.48 -6.99
C LYS A 355 23.81 -8.47 -7.89
N THR A 356 22.74 -7.97 -8.50
CA THR A 356 21.99 -8.68 -9.52
C THR A 356 21.73 -7.67 -10.63
N ILE A 357 21.20 -8.14 -11.75
CA ILE A 357 20.82 -7.25 -12.84
C ILE A 357 19.34 -6.86 -12.70
N TRP A 358 18.68 -7.47 -11.72
CA TRP A 358 17.23 -7.37 -11.57
C TRP A 358 16.83 -6.97 -10.17
N THR A 359 15.57 -6.56 -10.01
CA THR A 359 14.96 -6.33 -8.71
C THR A 359 13.56 -6.94 -8.70
N SER A 360 13.23 -7.71 -7.66
CA SER A 360 11.84 -8.16 -7.47
C SER A 360 11.48 -8.05 -6.01
N SER A 361 10.31 -8.57 -5.64
CA SER A 361 9.93 -8.61 -4.23
C SER A 361 8.96 -9.76 -3.90
N SER A 362 8.84 -10.07 -2.62
CA SER A 362 7.86 -11.05 -2.19
C SER A 362 7.13 -10.46 -1.01
N SER A 363 6.17 -11.18 -0.46
CA SER A 363 5.34 -10.57 0.56
C SER A 363 5.16 -11.46 1.75
N ILE A 364 4.93 -10.82 2.90
CA ILE A 364 4.36 -11.48 4.07
C ILE A 364 3.09 -10.68 4.38
N VAL A 365 1.98 -11.38 4.62
CA VAL A 365 0.72 -10.74 4.95
C VAL A 365 0.32 -11.10 6.39
N MET A 366 -0.08 -10.09 7.16
CA MET A 366 -0.43 -10.28 8.57
C MET A 366 -1.83 -9.70 8.87
N CYS A 367 -2.59 -10.35 9.75
CA CYS A 367 -3.92 -9.86 10.11
C CYS A 367 -4.05 -9.66 11.62
N GLY A 368 -4.71 -8.57 12.01
CA GLY A 368 -4.87 -8.21 13.41
C GLY A 368 -5.64 -9.21 14.21
N VAL A 369 -5.12 -9.56 15.39
CA VAL A 369 -5.78 -10.52 16.27
C VAL A 369 -5.90 -9.99 17.70
N ASP A 370 -6.66 -10.71 18.53
CA ASP A 370 -6.97 -10.28 19.89
C ASP A 370 -5.87 -10.63 20.92
N TYR A 371 -4.68 -10.96 20.43
CA TYR A 371 -3.63 -11.46 21.31
C TYR A 371 -2.28 -10.90 20.92
N GLU A 372 -1.39 -10.82 21.89
CA GLU A 372 -0.03 -10.40 21.62
C GLU A 372 0.68 -11.51 20.84
N ILE A 373 1.39 -11.13 19.78
CA ILE A 373 2.10 -12.10 18.96
C ILE A 373 3.60 -11.88 19.09
N ALA A 374 4.37 -12.97 19.20
CA ALA A 374 5.81 -12.88 19.43
C ALA A 374 6.55 -12.30 18.22
N ASP A 375 7.68 -11.66 18.47
CA ASP A 375 8.53 -11.23 17.37
C ASP A 375 9.14 -12.42 16.61
N TRP A 376 9.34 -12.20 15.31
CA TRP A 376 10.06 -13.11 14.44
C TRP A 376 10.32 -12.43 13.12
N SER A 377 10.93 -13.16 12.20
CA SER A 377 11.24 -12.61 10.90
C SER A 377 10.90 -13.55 9.76
N TRP A 378 9.80 -13.26 9.06
CA TRP A 378 9.42 -14.01 7.87
C TRP A 378 9.95 -13.34 6.62
N HIS A 379 11.27 -13.33 6.47
CA HIS A 379 11.91 -12.60 5.39
C HIS A 379 11.83 -13.36 4.08
N ASP A 380 12.21 -12.69 2.99
CA ASP A 380 12.11 -13.25 1.66
C ASP A 380 12.78 -14.62 1.54
N GLY A 381 14.09 -14.67 1.80
CA GLY A 381 14.79 -15.94 1.92
C GLY A 381 15.48 -16.45 0.68
N ALA A 382 15.35 -15.72 -0.42
CA ALA A 382 15.98 -16.13 -1.67
C ALA A 382 17.49 -15.99 -1.57
N ILE A 383 18.19 -16.83 -2.33
CA ILE A 383 19.63 -16.92 -2.25
C ILE A 383 20.25 -16.25 -3.48
N LEU A 384 20.73 -15.02 -3.29
CA LEU A 384 21.26 -14.22 -4.38
C LEU A 384 22.78 -14.35 -4.47
N PRO A 385 23.35 -14.10 -5.66
CA PRO A 385 22.66 -13.80 -6.92
C PRO A 385 22.07 -15.05 -7.57
N PHE A 386 21.38 -14.89 -8.70
CA PHE A 386 20.76 -16.01 -9.44
C PHE A 386 21.58 -16.40 -10.67
N ASP A 387 21.19 -17.49 -11.34
CA ASP A 387 21.91 -17.96 -12.52
C ASP A 387 22.07 -16.85 -13.55
N ILE A 388 21.04 -16.02 -13.69
CA ILE A 388 21.04 -15.00 -14.74
C ILE A 388 22.07 -13.91 -14.47
N ASP A 389 22.46 -13.78 -13.22
CA ASP A 389 23.36 -12.72 -12.81
C ASP A 389 24.81 -13.06 -13.10
N LYS A 390 25.03 -14.27 -13.58
CA LYS A 390 26.39 -14.78 -13.76
C LYS A 390 26.84 -14.77 -15.22
#